data_4WEP
#
_entry.id   4WEP
#
_cell.length_a   71.740
_cell.length_b   76.110
_cell.length_c   91.490
_cell.angle_alpha   90.00
_cell.angle_beta   90.00
_cell.angle_gamma   90.00
#
_symmetry.space_group_name_H-M   'P 21 21 21'
#
loop_
_entity.id
_entity.type
_entity.pdbx_description
1 polymer 'Putative osmoprotectant uptake system substrate-binding protein OsmF'
2 water water
#
_entity_poly.entity_id   1
_entity_poly.type   'polypeptide(L)'
_entity_poly.pdbx_seq_one_letter_code
;ASPVKVGSKIDTEGALLGNIILQVLESHGVPTVNKVQLGTTPVVRGAITSGELDIYPEYTGNGAFFFKDENDAAWKNAQQ
GYEKVKKLDSEHNKLIWLTPAPANNTWTIAVRQDVAEKNKLTSLADLSRYLQEGGTFKLAASAEFIERADALPAFEKAYG
FKLGQDQLLSLAGGDTAVTIKAAAQQTSGVNAAMAYGTDGPVAALGLQTLSDPQGVQPIYAPAPVVRESVLREYPQMAQW
LQPVFASLDAKTLQQLNASIAVEGLDAKKVAADYLKQKGWTKRSKGWTKRSHHHHHH
;
_entity_poly.pdbx_strand_id   A,B
#
# COMPACT_ATOMS: atom_id res chain seq x y z
N ALA A 1 -19.16 -5.09 31.49
CA ALA A 1 -18.89 -5.88 32.69
C ALA A 1 -18.60 -7.33 32.31
N SER A 2 -19.38 -7.84 31.36
CA SER A 2 -19.10 -9.15 30.78
C SER A 2 -17.79 -9.09 30.00
N PRO A 3 -16.86 -10.00 30.32
CA PRO A 3 -15.51 -9.92 29.74
C PRO A 3 -15.49 -10.09 28.23
N VAL A 4 -14.53 -9.43 27.59
CA VAL A 4 -14.34 -9.56 26.15
C VAL A 4 -13.47 -10.78 25.86
N LYS A 5 -14.03 -11.72 25.10
CA LYS A 5 -13.31 -12.96 24.80
C LYS A 5 -12.38 -12.72 23.62
N VAL A 6 -11.08 -12.68 23.91
CA VAL A 6 -10.07 -12.42 22.89
C VAL A 6 -9.44 -13.72 22.40
N GLY A 7 -9.48 -13.95 21.10
CA GLY A 7 -8.88 -15.16 20.56
C GLY A 7 -7.84 -14.89 19.49
N SER A 8 -7.32 -15.97 18.94
CA SER A 8 -6.46 -15.91 17.76
C SER A 8 -6.23 -17.32 17.24
N LYS A 9 -5.60 -17.42 16.08
CA LYS A 9 -5.26 -18.72 15.53
C LYS A 9 -4.03 -19.31 16.22
N ILE A 10 -3.80 -20.61 16.01
CA ILE A 10 -2.74 -21.32 16.75
C ILE A 10 -1.31 -20.95 16.32
N ASP A 11 -1.14 -20.46 15.10
CA ASP A 11 0.21 -20.20 14.58
C ASP A 11 0.94 -19.05 15.29
N THR A 12 2.23 -18.91 14.96
CA THR A 12 3.09 -17.89 15.57
C THR A 12 2.48 -16.49 15.51
N GLU A 13 2.04 -16.09 14.32
CA GLU A 13 1.52 -14.75 14.15
C GLU A 13 0.20 -14.59 14.90
N GLY A 14 -0.56 -15.68 15.01
CA GLY A 14 -1.78 -15.66 15.81
C GLY A 14 -1.46 -15.40 17.26
N ALA A 15 -0.45 -16.11 17.78
CA ALA A 15 -0.03 -15.88 19.16
C ALA A 15 0.36 -14.42 19.37
N LEU A 16 1.14 -13.89 18.42
CA LEU A 16 1.57 -12.50 18.51
C LEU A 16 0.40 -11.53 18.49
N LEU A 17 -0.45 -11.63 17.47
CA LEU A 17 -1.51 -10.64 17.30
C LEU A 17 -2.61 -10.78 18.35
N GLY A 18 -2.86 -12.00 18.80
CA GLY A 18 -3.86 -12.22 19.84
C GLY A 18 -3.42 -11.57 21.14
N ASN A 19 -2.14 -11.74 21.48
CA ASN A 19 -1.63 -11.13 22.68
C ASN A 19 -1.58 -9.61 22.58
N ILE A 20 -1.31 -9.09 21.38
CA ILE A 20 -1.33 -7.65 21.18
C ILE A 20 -2.73 -7.11 21.46
N ILE A 21 -3.76 -7.73 20.89
CA ILE A 21 -5.13 -7.27 21.12
C ILE A 21 -5.50 -7.36 22.60
N LEU A 22 -5.19 -8.50 23.21
CA LEU A 22 -5.49 -8.73 24.62
C LEU A 22 -4.88 -7.65 25.51
N GLN A 23 -3.61 -7.36 25.27
CA GLN A 23 -2.88 -6.42 26.11
C GLN A 23 -3.29 -4.96 25.88
N VAL A 24 -3.67 -4.60 24.65
CA VAL A 24 -4.20 -3.27 24.42
C VAL A 24 -5.48 -3.08 25.24
N LEU A 25 -6.37 -4.06 25.17
CA LEU A 25 -7.62 -4.00 25.92
C LEU A 25 -7.37 -3.96 27.42
N GLU A 26 -6.45 -4.79 27.89
CA GLU A 26 -6.12 -4.84 29.31
C GLU A 26 -5.55 -3.52 29.81
N SER A 27 -4.80 -2.82 28.96
CA SER A 27 -4.19 -1.55 29.37
C SER A 27 -5.24 -0.45 29.52
N HIS A 28 -6.42 -0.66 28.95
CA HIS A 28 -7.52 0.28 29.12
C HIS A 28 -8.51 -0.23 30.16
N GLY A 29 -8.13 -1.29 30.87
CA GLY A 29 -8.94 -1.79 31.97
C GLY A 29 -10.20 -2.53 31.54
N VAL A 30 -10.24 -2.92 30.27
CA VAL A 30 -11.36 -3.69 29.74
C VAL A 30 -11.31 -5.14 30.22
N PRO A 31 -12.44 -5.65 30.76
CA PRO A 31 -12.46 -7.05 31.21
C PRO A 31 -12.27 -8.01 30.04
N THR A 32 -11.39 -8.99 30.20
CA THR A 32 -11.06 -9.91 29.11
C THR A 32 -11.04 -11.37 29.54
N VAL A 33 -11.24 -12.25 28.55
CA VAL A 33 -10.96 -13.66 28.71
C VAL A 33 -9.90 -14.03 27.67
N ASN A 34 -8.81 -14.65 28.12
CA ASN A 34 -7.74 -15.06 27.22
C ASN A 34 -8.07 -16.38 26.51
N LYS A 35 -8.39 -16.28 25.21
CA LYS A 35 -8.59 -17.46 24.38
C LYS A 35 -7.66 -17.43 23.17
N VAL A 36 -6.47 -16.86 23.38
CA VAL A 36 -5.45 -16.78 22.35
C VAL A 36 -5.03 -18.19 21.92
N GLN A 37 -4.74 -18.36 20.62
CA GLN A 37 -4.39 -19.65 20.04
C GLN A 37 -5.47 -20.71 20.24
N LEU A 38 -6.71 -20.33 19.95
CA LEU A 38 -7.85 -21.22 20.14
C LEU A 38 -7.89 -22.38 19.15
N GLY A 39 -7.59 -22.09 17.88
CA GLY A 39 -7.67 -23.11 16.85
C GLY A 39 -7.32 -22.59 15.48
N THR A 40 -7.62 -23.38 14.45
CA THR A 40 -7.39 -22.98 13.07
C THR A 40 -8.46 -22.01 12.60
N THR A 41 -8.34 -21.54 11.36
CA THR A 41 -9.30 -20.59 10.80
C THR A 41 -10.77 -20.99 11.00
N PRO A 42 -11.17 -22.21 10.61
CA PRO A 42 -12.60 -22.51 10.80
C PRO A 42 -13.03 -22.56 12.27
N VAL A 43 -12.11 -22.92 13.17
CA VAL A 43 -12.46 -22.95 14.58
C VAL A 43 -12.69 -21.53 15.12
N VAL A 44 -11.80 -20.60 14.80
CA VAL A 44 -11.97 -19.23 15.32
C VAL A 44 -13.12 -18.52 14.62
N ARG A 45 -13.32 -18.81 13.34
CA ARG A 45 -14.43 -18.22 12.59
C ARG A 45 -15.77 -18.75 13.13
N GLY A 46 -15.83 -20.04 13.40
CA GLY A 46 -17.02 -20.62 14.00
C GLY A 46 -17.24 -20.05 15.39
N ALA A 47 -16.14 -19.76 16.10
CA ALA A 47 -16.26 -19.27 17.46
C ALA A 47 -16.80 -17.85 17.50
N ILE A 48 -16.32 -16.98 16.61
CA ILE A 48 -16.76 -15.59 16.67
C ILE A 48 -18.20 -15.45 16.16
N THR A 49 -18.60 -16.32 15.24
CA THR A 49 -19.96 -16.27 14.69
C THR A 49 -20.97 -16.97 15.60
N SER A 50 -20.46 -17.61 16.66
CA SER A 50 -21.32 -18.28 17.62
CA SER A 50 -21.30 -18.29 17.63
C SER A 50 -21.26 -17.60 18.99
N GLY A 51 -20.37 -16.60 19.09
CA GLY A 51 -20.24 -15.84 20.32
C GLY A 51 -19.24 -16.37 21.33
N GLU A 52 -18.58 -17.47 20.98
CA GLU A 52 -17.55 -18.04 21.84
C GLU A 52 -16.29 -17.18 21.81
N LEU A 53 -16.16 -16.37 20.76
CA LEU A 53 -15.15 -15.33 20.71
C LEU A 53 -15.79 -13.98 20.46
N ASP A 54 -15.16 -12.92 20.97
CA ASP A 54 -15.65 -11.58 20.72
C ASP A 54 -14.77 -10.81 19.73
N ILE A 55 -13.48 -11.13 19.71
CA ILE A 55 -12.54 -10.42 18.84
C ILE A 55 -11.32 -11.31 18.60
N TYR A 56 -10.80 -11.29 17.38
CA TYR A 56 -9.57 -12.02 17.05
C TYR A 56 -9.00 -11.48 15.75
N PRO A 57 -7.74 -11.78 15.43
CA PRO A 57 -7.17 -11.32 14.15
C PRO A 57 -7.47 -12.28 13.01
N GLU A 58 -8.14 -11.77 11.97
CA GLU A 58 -8.47 -12.56 10.80
C GLU A 58 -7.86 -11.87 9.59
N TYR A 59 -7.73 -12.60 8.47
CA TYR A 59 -7.01 -12.13 7.30
C TYR A 59 -7.98 -11.82 6.18
N THR A 60 -7.84 -10.62 5.60
CA THR A 60 -8.81 -10.08 4.66
C THR A 60 -9.19 -11.05 3.54
N GLY A 61 -8.21 -11.66 2.89
CA GLY A 61 -8.45 -12.53 1.76
C GLY A 61 -9.29 -13.75 2.07
N ASN A 62 -9.39 -14.11 3.34
CA ASN A 62 -10.27 -15.21 3.70
C ASN A 62 -11.75 -14.89 3.49
N GLY A 63 -12.06 -13.62 3.23
CA GLY A 63 -13.41 -13.26 2.81
C GLY A 63 -13.87 -14.00 1.56
N ALA A 64 -12.91 -14.41 0.73
CA ALA A 64 -13.20 -15.19 -0.47
C ALA A 64 -13.89 -16.50 -0.12
N PHE A 65 -13.52 -17.09 1.01
CA PHE A 65 -14.10 -18.36 1.42
C PHE A 65 -15.36 -18.12 2.26
N PHE A 66 -15.30 -17.11 3.12
CA PHE A 66 -16.43 -16.80 4.00
C PHE A 66 -17.68 -16.47 3.20
N PHE A 67 -17.50 -15.92 2.01
CA PHE A 67 -18.65 -15.45 1.23
C PHE A 67 -18.72 -16.06 -0.17
N LYS A 68 -18.07 -17.21 -0.33
CA LYS A 68 -18.24 -18.05 -1.51
C LYS A 68 -17.99 -17.24 -2.77
N ASP A 69 -16.91 -16.48 -2.73
CA ASP A 69 -16.61 -15.47 -3.70
C ASP A 69 -15.19 -15.68 -4.20
N GLU A 70 -14.78 -16.94 -4.25
CA GLU A 70 -13.46 -17.32 -4.74
C GLU A 70 -13.29 -16.81 -6.17
N ASN A 71 -12.06 -16.42 -6.52
CA ASN A 71 -11.72 -15.91 -7.85
C ASN A 71 -12.32 -14.55 -8.18
N ASP A 72 -12.82 -13.84 -7.17
CA ASP A 72 -13.20 -12.44 -7.33
C ASP A 72 -11.92 -11.62 -7.40
N ALA A 73 -11.84 -10.71 -8.36
CA ALA A 73 -10.63 -9.89 -8.56
C ALA A 73 -10.31 -9.02 -7.34
N ALA A 74 -11.33 -8.71 -6.55
CA ALA A 74 -11.16 -7.83 -5.40
C ALA A 74 -10.15 -8.35 -4.39
N TRP A 75 -10.07 -9.67 -4.24
CA TRP A 75 -9.17 -10.26 -3.25
C TRP A 75 -7.69 -10.10 -3.62
N LYS A 76 -7.44 -9.73 -4.88
CA LYS A 76 -6.07 -9.49 -5.37
C LYS A 76 -5.64 -8.03 -5.20
N ASN A 77 -6.46 -7.25 -4.52
CA ASN A 77 -6.15 -5.86 -4.21
C ASN A 77 -6.30 -5.65 -2.71
N ALA A 78 -5.27 -5.10 -2.05
CA ALA A 78 -5.27 -5.01 -0.60
C ALA A 78 -6.47 -4.21 -0.09
N GLN A 79 -6.69 -3.03 -0.66
CA GLN A 79 -7.80 -2.18 -0.24
C GLN A 79 -9.17 -2.73 -0.63
N GLN A 80 -9.31 -3.19 -1.87
CA GLN A 80 -10.61 -3.69 -2.34
C GLN A 80 -11.05 -4.92 -1.57
N GLY A 81 -10.09 -5.79 -1.26
CA GLY A 81 -10.39 -6.99 -0.50
C GLY A 81 -10.83 -6.65 0.92
N TYR A 82 -10.12 -5.74 1.56
CA TYR A 82 -10.51 -5.29 2.89
C TYR A 82 -11.91 -4.70 2.90
N GLU A 83 -12.19 -3.78 1.99
CA GLU A 83 -13.49 -3.12 1.96
C GLU A 83 -14.59 -4.13 1.67
N LYS A 84 -14.30 -5.12 0.83
CA LYS A 84 -15.31 -6.12 0.48
C LYS A 84 -15.69 -6.99 1.66
N VAL A 85 -14.70 -7.56 2.35
CA VAL A 85 -15.02 -8.43 3.48
C VAL A 85 -15.59 -7.62 4.63
N LYS A 86 -15.15 -6.37 4.79
CA LYS A 86 -15.69 -5.50 5.82
C LYS A 86 -17.19 -5.26 5.62
N LYS A 87 -17.58 -4.94 4.39
CA LYS A 87 -18.98 -4.69 4.07
C LYS A 87 -19.82 -5.94 4.27
N LEU A 88 -19.34 -7.06 3.74
CA LEU A 88 -20.09 -8.31 3.78
C LEU A 88 -20.26 -8.88 5.19
N ASP A 89 -19.20 -8.81 6.00
CA ASP A 89 -19.27 -9.34 7.36
C ASP A 89 -20.16 -8.48 8.25
N SER A 90 -20.18 -7.18 8.00
CA SER A 90 -21.06 -6.30 8.76
C SER A 90 -22.52 -6.61 8.49
N GLU A 91 -22.89 -6.62 7.22
CA GLU A 91 -24.27 -6.84 6.79
CA GLU A 91 -24.29 -6.81 6.87
C GLU A 91 -24.79 -8.23 7.13
N HIS A 92 -23.95 -9.24 6.93
CA HIS A 92 -24.40 -10.61 7.08
C HIS A 92 -24.22 -11.20 8.47
N ASN A 93 -23.16 -10.79 9.16
CA ASN A 93 -22.80 -11.47 10.41
C ASN A 93 -22.64 -10.54 11.61
N LYS A 94 -22.86 -9.24 11.39
CA LYS A 94 -22.64 -8.23 12.43
C LYS A 94 -21.25 -8.36 13.03
N LEU A 95 -20.27 -8.55 12.15
CA LEU A 95 -18.86 -8.59 12.55
C LEU A 95 -18.16 -7.38 11.96
N ILE A 96 -17.40 -6.67 12.77
CA ILE A 96 -16.77 -5.43 12.34
C ILE A 96 -15.26 -5.59 12.13
N TRP A 97 -14.83 -5.37 10.89
CA TRP A 97 -13.42 -5.38 10.56
C TRP A 97 -12.78 -4.04 10.89
N LEU A 98 -11.81 -4.08 11.80
CA LEU A 98 -11.09 -2.88 12.20
C LEU A 98 -9.89 -2.67 11.29
N THR A 99 -8.94 -1.85 11.72
CA THR A 99 -7.79 -1.47 10.88
C THR A 99 -6.90 -2.66 10.51
N PRO A 100 -6.67 -2.88 9.21
CA PRO A 100 -5.79 -3.96 8.78
C PRO A 100 -4.32 -3.56 8.83
N ALA A 101 -3.46 -4.53 9.08
CA ALA A 101 -2.03 -4.32 8.95
C ALA A 101 -1.69 -4.14 7.47
N PRO A 102 -0.68 -3.32 7.18
CA PRO A 102 -0.26 -3.15 5.78
C PRO A 102 0.44 -4.40 5.21
N ALA A 103 0.65 -5.41 6.05
CA ALA A 103 1.37 -6.61 5.63
C ALA A 103 0.51 -7.59 4.84
N ASN A 104 1.16 -8.42 4.04
CA ASN A 104 0.49 -9.39 3.22
C ASN A 104 1.05 -10.78 3.51
N ASN A 105 0.36 -11.56 4.33
CA ASN A 105 0.84 -12.88 4.72
C ASN A 105 0.41 -13.93 3.71
N THR A 106 1.10 -13.92 2.57
CA THR A 106 0.77 -14.77 1.43
C THR A 106 2.06 -15.28 0.81
N TRP A 107 1.95 -16.27 -0.08
CA TRP A 107 3.11 -16.82 -0.80
C TRP A 107 3.89 -15.76 -1.55
N THR A 108 5.22 -15.82 -1.46
CA THR A 108 6.09 -14.99 -2.27
C THR A 108 7.47 -15.66 -2.35
N ILE A 109 8.43 -14.93 -2.90
CA ILE A 109 9.83 -15.37 -2.94
C ILE A 109 10.62 -14.43 -2.04
N ALA A 110 11.51 -15.01 -1.22
CA ALA A 110 12.42 -14.23 -0.41
C ALA A 110 13.82 -14.49 -0.92
N VAL A 111 14.65 -13.44 -0.98
CA VAL A 111 16.00 -13.56 -1.51
C VAL A 111 17.00 -13.26 -0.39
N ARG A 112 18.17 -13.87 -0.45
CA ARG A 112 19.25 -13.52 0.48
C ARG A 112 19.44 -12.02 0.50
N GLN A 113 19.62 -11.46 1.70
CA GLN A 113 19.76 -10.02 1.85
C GLN A 113 20.92 -9.47 1.03
N ASP A 114 22.06 -10.16 1.01
CA ASP A 114 23.21 -9.63 0.28
C ASP A 114 22.91 -9.53 -1.21
N VAL A 115 22.25 -10.53 -1.77
CA VAL A 115 21.92 -10.54 -3.19
C VAL A 115 20.87 -9.46 -3.49
N ALA A 116 19.89 -9.34 -2.60
CA ALA A 116 18.82 -8.34 -2.79
C ALA A 116 19.38 -6.91 -2.76
N GLU A 117 20.26 -6.62 -1.81
CA GLU A 117 20.78 -5.27 -1.69
C GLU A 117 21.74 -4.94 -2.83
N LYS A 118 22.59 -5.90 -3.19
CA LYS A 118 23.57 -5.73 -4.26
C LYS A 118 22.89 -5.43 -5.59
N ASN A 119 21.74 -6.07 -5.82
CA ASN A 119 21.07 -5.96 -7.10
C ASN A 119 19.77 -5.16 -7.03
N LYS A 120 19.56 -4.48 -5.91
CA LYS A 120 18.42 -3.59 -5.73
C LYS A 120 17.08 -4.29 -5.98
N LEU A 121 16.93 -5.47 -5.37
CA LEU A 121 15.72 -6.26 -5.54
C LEU A 121 14.73 -5.99 -4.41
N THR A 122 13.61 -5.39 -4.75
CA THR A 122 12.56 -5.08 -3.79
C THR A 122 11.30 -5.87 -4.12
N SER A 123 10.98 -5.93 -5.41
CA SER A 123 9.74 -6.56 -5.87
C SER A 123 10.03 -7.75 -6.78
N LEU A 124 8.97 -8.51 -7.08
CA LEU A 124 9.07 -9.61 -8.02
C LEU A 124 9.36 -9.09 -9.43
N ALA A 125 8.97 -7.84 -9.71
CA ALA A 125 9.30 -7.21 -10.98
C ALA A 125 10.81 -6.97 -11.07
N ASP A 126 11.41 -6.50 -9.98
CA ASP A 126 12.86 -6.32 -9.92
C ASP A 126 13.55 -7.66 -10.17
N LEU A 127 13.02 -8.72 -9.56
CA LEU A 127 13.58 -10.06 -9.75
C LEU A 127 13.54 -10.46 -11.20
N SER A 128 12.39 -10.26 -11.85
CA SER A 128 12.25 -10.62 -13.25
C SER A 128 13.26 -9.88 -14.14
N ARG A 129 13.48 -8.61 -13.86
CA ARG A 129 14.46 -7.82 -14.62
C ARG A 129 15.88 -8.37 -14.41
N TYR A 130 16.19 -8.72 -13.17
CA TYR A 130 17.49 -9.27 -12.81
C TYR A 130 17.74 -10.59 -13.54
N LEU A 131 16.71 -11.44 -13.59
CA LEU A 131 16.84 -12.73 -14.27
C LEU A 131 17.07 -12.57 -15.77
N GLN A 132 16.31 -11.67 -16.40
CA GLN A 132 16.46 -11.44 -17.83
C GLN A 132 17.79 -10.76 -18.16
N GLU A 133 18.43 -10.18 -17.15
CA GLU A 133 19.77 -9.60 -17.29
C GLU A 133 20.86 -10.62 -16.93
N GLY A 134 20.48 -11.87 -16.76
CA GLY A 134 21.44 -12.93 -16.50
C GLY A 134 21.90 -13.04 -15.05
N GLY A 135 21.13 -12.48 -14.13
CA GLY A 135 21.47 -12.58 -12.72
C GLY A 135 21.49 -14.00 -12.21
N THR A 136 22.44 -14.29 -11.32
CA THR A 136 22.56 -15.61 -10.71
C THR A 136 21.40 -15.85 -9.75
N PHE A 137 20.72 -16.99 -9.89
CA PHE A 137 19.52 -17.24 -9.11
C PHE A 137 19.21 -18.73 -9.01
N LYS A 138 18.87 -19.18 -7.81
CA LYS A 138 18.41 -20.54 -7.62
C LYS A 138 17.44 -20.56 -6.45
N LEU A 139 16.24 -21.06 -6.72
CA LEU A 139 15.13 -20.99 -5.80
C LEU A 139 14.85 -22.33 -5.12
N ALA A 140 14.87 -22.36 -3.79
CA ALA A 140 14.39 -23.52 -3.05
C ALA A 140 12.89 -23.40 -2.83
N ALA A 141 12.14 -24.43 -3.20
CA ALA A 141 10.68 -24.39 -3.11
C ALA A 141 10.11 -25.77 -2.98
N SER A 142 8.88 -25.86 -2.48
CA SER A 142 8.18 -27.14 -2.46
C SER A 142 7.80 -27.54 -3.88
N ALA A 143 7.64 -28.84 -4.10
CA ALA A 143 7.16 -29.35 -5.38
C ALA A 143 5.85 -28.69 -5.77
N GLU A 144 4.96 -28.54 -4.78
CA GLU A 144 3.66 -27.92 -4.96
C GLU A 144 3.77 -26.47 -5.48
N PHE A 145 4.62 -25.69 -4.84
CA PHE A 145 4.82 -24.29 -5.21
C PHE A 145 5.34 -24.20 -6.64
N ILE A 146 6.18 -25.15 -7.02
CA ILE A 146 6.76 -25.15 -8.35
C ILE A 146 5.75 -25.52 -9.43
N GLU A 147 4.85 -26.45 -9.13
CA GLU A 147 3.95 -27.01 -10.14
CA GLU A 147 3.94 -27.03 -10.12
C GLU A 147 2.57 -26.36 -10.18
N ARG A 148 2.03 -26.00 -9.02
CA ARG A 148 0.65 -25.49 -8.97
C ARG A 148 0.47 -24.21 -9.79
N ALA A 149 -0.55 -24.20 -10.64
CA ALA A 149 -0.75 -23.12 -11.60
C ALA A 149 -0.83 -21.73 -10.95
N ASP A 150 -1.36 -21.67 -9.74
CA ASP A 150 -1.54 -20.39 -9.07
C ASP A 150 -0.33 -19.97 -8.22
N ALA A 151 0.74 -20.77 -8.26
CA ALA A 151 1.93 -20.52 -7.47
C ALA A 151 3.05 -19.97 -8.34
N LEU A 152 4.19 -20.66 -8.38
CA LEU A 152 5.33 -20.17 -9.17
C LEU A 152 4.97 -19.88 -10.64
N PRO A 153 4.24 -20.79 -11.33
CA PRO A 153 3.88 -20.48 -12.72
C PRO A 153 3.08 -19.18 -12.88
N ALA A 154 2.27 -18.83 -11.90
CA ALA A 154 1.52 -17.57 -11.95
C ALA A 154 2.44 -16.36 -11.81
N PHE A 155 3.42 -16.45 -10.91
CA PHE A 155 4.41 -15.39 -10.77
C PHE A 155 5.19 -15.25 -12.07
N GLU A 156 5.60 -16.39 -12.61
CA GLU A 156 6.40 -16.41 -13.83
C GLU A 156 5.65 -15.75 -15.00
N LYS A 157 4.38 -16.09 -15.14
CA LYS A 157 3.59 -15.55 -16.23
C LYS A 157 3.36 -14.05 -16.06
N ALA A 158 3.01 -13.63 -14.86
CA ALA A 158 2.63 -12.24 -14.63
C ALA A 158 3.81 -11.27 -14.68
N TYR A 159 4.96 -11.72 -14.16
CA TYR A 159 6.13 -10.85 -14.08
C TYR A 159 7.11 -11.09 -15.23
N GLY A 160 6.84 -12.11 -16.03
CA GLY A 160 7.64 -12.36 -17.23
C GLY A 160 9.01 -12.96 -16.99
N PHE A 161 9.09 -14.00 -16.17
CA PHE A 161 10.33 -14.73 -15.99
C PHE A 161 10.08 -16.22 -16.03
N LYS A 162 11.14 -16.99 -16.22
CA LYS A 162 11.08 -18.44 -16.24
C LYS A 162 12.32 -19.02 -15.58
N LEU A 163 12.12 -19.92 -14.61
CA LEU A 163 13.24 -20.56 -13.94
C LEU A 163 13.58 -21.89 -14.59
N GLY A 164 14.82 -22.05 -15.02
CA GLY A 164 15.29 -23.31 -15.56
C GLY A 164 15.47 -24.33 -14.46
N GLN A 165 15.67 -25.58 -14.85
CA GLN A 165 15.83 -26.67 -13.89
C GLN A 165 17.02 -26.45 -12.96
N ASP A 166 18.06 -25.83 -13.49
CA ASP A 166 19.25 -25.57 -12.69
CA ASP A 166 19.28 -25.55 -12.72
C ASP A 166 19.09 -24.35 -11.80
N GLN A 167 17.92 -23.71 -11.89
CA GLN A 167 17.59 -22.56 -11.05
C GLN A 167 16.55 -22.95 -9.99
N LEU A 168 16.37 -24.25 -9.80
CA LEU A 168 15.41 -24.78 -8.84
C LEU A 168 15.99 -25.87 -7.95
N LEU A 169 15.66 -25.78 -6.66
CA LEU A 169 15.86 -26.89 -5.73
C LEU A 169 14.50 -27.28 -5.18
N SER A 170 13.97 -28.40 -5.66
CA SER A 170 12.65 -28.85 -5.25
C SER A 170 12.74 -29.67 -3.97
N LEU A 171 12.01 -29.23 -2.95
CA LEU A 171 11.93 -29.96 -1.70
C LEU A 171 10.52 -30.52 -1.54
N ALA A 172 10.43 -31.85 -1.44
CA ALA A 172 9.16 -32.59 -1.50
C ALA A 172 7.96 -31.90 -0.82
N GLY A 173 7.93 -31.88 0.50
CA GLY A 173 6.76 -31.39 1.20
C GLY A 173 6.97 -30.17 2.07
N GLY A 174 7.18 -29.01 1.44
CA GLY A 174 7.43 -27.77 2.15
C GLY A 174 8.57 -27.97 3.14
N ASP A 175 8.56 -27.24 4.26
CA ASP A 175 7.71 -26.07 4.46
C ASP A 175 8.62 -24.88 4.35
N THR A 176 8.13 -23.67 4.59
CA THR A 176 8.96 -22.51 4.29
C THR A 176 10.17 -22.36 5.23
N ALA A 177 10.10 -22.91 6.44
CA ALA A 177 11.28 -22.88 7.30
C ALA A 177 12.44 -23.60 6.63
N VAL A 178 12.13 -24.69 5.94
CA VAL A 178 13.14 -25.50 5.27
C VAL A 178 13.67 -24.83 4.00
N THR A 179 12.78 -24.25 3.19
CA THR A 179 13.23 -23.57 1.99
C THR A 179 14.04 -22.32 2.34
N ILE A 180 13.57 -21.56 3.33
CA ILE A 180 14.31 -20.39 3.80
C ILE A 180 15.70 -20.80 4.31
N LYS A 181 15.77 -21.89 5.07
CA LYS A 181 17.07 -22.35 5.55
C LYS A 181 18.03 -22.66 4.41
N ALA A 182 17.52 -23.28 3.34
CA ALA A 182 18.35 -23.61 2.19
C ALA A 182 19.00 -22.36 1.59
N ALA A 183 18.24 -21.27 1.46
CA ALA A 183 18.81 -20.03 0.96
C ALA A 183 19.76 -19.41 1.97
N ALA A 184 19.42 -19.53 3.25
CA ALA A 184 20.21 -18.92 4.31
C ALA A 184 21.63 -19.47 4.37
N GLN A 185 21.80 -20.76 4.07
CA GLN A 185 23.13 -21.35 4.11
C GLN A 185 23.57 -21.83 2.73
N GLN A 186 22.90 -21.34 1.69
CA GLN A 186 23.31 -21.53 0.29
C GLN A 186 23.46 -23.00 -0.09
N THR A 187 22.55 -23.82 0.42
CA THR A 187 22.52 -25.24 0.09
C THR A 187 22.35 -25.45 -1.41
N SER A 188 23.25 -26.24 -2.00
CA SER A 188 23.22 -26.50 -3.43
C SER A 188 23.23 -25.22 -4.27
N GLY A 189 23.78 -24.14 -3.70
CA GLY A 189 23.86 -22.89 -4.43
C GLY A 189 22.59 -22.05 -4.44
N VAL A 190 21.61 -22.43 -3.61
CA VAL A 190 20.36 -21.69 -3.50
C VAL A 190 20.62 -20.27 -2.96
N ASN A 191 19.96 -19.27 -3.55
CA ASN A 191 20.03 -17.92 -2.97
C ASN A 191 18.66 -17.27 -2.79
N ALA A 192 17.60 -18.08 -2.93
CA ALA A 192 16.25 -17.58 -2.73
C ALA A 192 15.33 -18.70 -2.29
N ALA A 193 14.21 -18.33 -1.68
CA ALA A 193 13.33 -19.32 -1.09
C ALA A 193 11.85 -18.98 -1.21
N MET A 194 11.06 -20.03 -1.39
CA MET A 194 9.62 -19.95 -1.13
C MET A 194 9.42 -19.48 0.30
N ALA A 195 8.54 -18.50 0.50
CA ALA A 195 8.32 -17.94 1.82
C ALA A 195 6.93 -17.32 1.91
N TYR A 196 6.40 -17.18 3.13
CA TYR A 196 5.20 -16.37 3.31
C TYR A 196 5.60 -14.96 3.68
N GLY A 197 4.73 -14.01 3.38
CA GLY A 197 5.08 -12.60 3.40
C GLY A 197 5.52 -12.07 4.76
N THR A 198 5.11 -12.74 5.83
CA THR A 198 5.49 -12.29 7.17
C THR A 198 6.26 -13.36 7.95
N ASP A 199 6.86 -14.31 7.23
CA ASP A 199 7.61 -15.42 7.82
C ASP A 199 8.73 -14.95 8.75
N GLY A 200 8.68 -15.41 10.00
CA GLY A 200 9.74 -15.12 10.96
C GLY A 200 11.13 -15.49 10.47
N PRO A 201 11.30 -16.69 9.90
CA PRO A 201 12.65 -17.05 9.48
C PRO A 201 13.26 -16.13 8.40
N VAL A 202 12.43 -15.40 7.66
CA VAL A 202 12.97 -14.43 6.72
C VAL A 202 13.85 -13.41 7.45
N ALA A 203 13.35 -12.91 8.58
CA ALA A 203 14.11 -11.94 9.37
C ALA A 203 15.33 -12.59 10.01
N ALA A 204 15.11 -13.69 10.73
CA ALA A 204 16.17 -14.27 11.54
C ALA A 204 17.32 -14.88 10.73
N LEU A 205 17.01 -15.40 9.55
CA LEU A 205 18.00 -16.14 8.76
C LEU A 205 18.54 -15.31 7.60
N GLY A 206 18.24 -14.02 7.61
CA GLY A 206 18.93 -13.09 6.73
C GLY A 206 18.43 -13.05 5.30
N LEU A 207 17.12 -13.24 5.10
CA LEU A 207 16.54 -13.04 3.78
C LEU A 207 15.70 -11.76 3.74
N GLN A 208 15.12 -11.51 2.56
CA GLN A 208 14.24 -10.36 2.35
C GLN A 208 13.12 -10.76 1.41
N THR A 209 11.87 -10.57 1.82
CA THR A 209 10.76 -10.92 0.93
C THR A 209 10.69 -9.93 -0.21
N LEU A 210 10.18 -10.41 -1.34
CA LEU A 210 9.90 -9.54 -2.46
C LEU A 210 8.42 -9.18 -2.49
N SER A 211 8.13 -7.93 -2.82
CA SER A 211 6.74 -7.49 -2.92
C SER A 211 6.06 -8.00 -4.19
N ASP A 212 4.73 -7.97 -4.19
CA ASP A 212 3.89 -8.51 -5.26
C ASP A 212 2.94 -7.42 -5.78
N PRO A 213 3.49 -6.40 -6.45
CA PRO A 213 2.70 -5.21 -6.84
C PRO A 213 1.64 -5.52 -7.89
N GLN A 214 1.82 -6.61 -8.64
CA GLN A 214 0.84 -7.01 -9.64
C GLN A 214 -0.37 -7.67 -8.98
N GLY A 215 -0.19 -8.15 -7.75
CA GLY A 215 -1.28 -8.82 -7.06
C GLY A 215 -1.57 -10.21 -7.61
N VAL A 216 -0.52 -10.99 -7.86
CA VAL A 216 -0.68 -12.36 -8.34
C VAL A 216 -1.32 -13.27 -7.28
N GLN A 217 -0.91 -13.10 -6.03
CA GLN A 217 -1.54 -13.83 -4.93
C GLN A 217 -2.64 -13.01 -4.28
N PRO A 218 -3.67 -13.68 -3.78
CA PRO A 218 -4.65 -12.97 -2.96
C PRO A 218 -3.97 -12.33 -1.76
N ILE A 219 -4.49 -11.21 -1.28
CA ILE A 219 -3.90 -10.53 -0.13
C ILE A 219 -4.50 -11.04 1.17
N TYR A 220 -3.63 -11.49 2.08
CA TYR A 220 -4.08 -11.88 3.41
C TYR A 220 -3.48 -10.92 4.44
N ALA A 221 -4.22 -9.85 4.72
CA ALA A 221 -3.80 -8.83 5.66
C ALA A 221 -4.54 -9.01 6.97
N PRO A 222 -3.81 -9.13 8.07
CA PRO A 222 -4.48 -9.35 9.36
C PRO A 222 -5.13 -8.10 9.92
N ALA A 223 -6.33 -8.27 10.46
CA ALA A 223 -7.08 -7.17 11.06
C ALA A 223 -7.86 -7.70 12.26
N PRO A 224 -8.09 -6.84 13.26
CA PRO A 224 -9.01 -7.31 14.31
C PRO A 224 -10.43 -7.38 13.76
N VAL A 225 -11.14 -8.46 14.06
CA VAL A 225 -12.56 -8.56 13.73
C VAL A 225 -13.32 -8.70 15.04
N VAL A 226 -14.32 -7.86 15.24
CA VAL A 226 -15.00 -7.82 16.53
C VAL A 226 -16.51 -7.87 16.34
N ARG A 227 -17.19 -8.58 17.25
CA ARG A 227 -18.65 -8.62 17.24
C ARG A 227 -19.19 -7.21 17.48
N GLU A 228 -20.21 -6.83 16.70
CA GLU A 228 -20.71 -5.46 16.72
C GLU A 228 -21.22 -5.07 18.11
N SER A 229 -21.86 -6.01 18.78
CA SER A 229 -22.42 -5.73 20.11
C SER A 229 -21.33 -5.42 21.12
N VAL A 230 -20.16 -6.01 20.91
CA VAL A 230 -19.01 -5.77 21.79
C VAL A 230 -18.38 -4.42 21.48
N LEU A 231 -18.25 -4.10 20.19
CA LEU A 231 -17.76 -2.80 19.80
C LEU A 231 -18.73 -1.73 20.29
N ARG A 232 -20.02 -2.05 20.28
CA ARG A 232 -21.05 -1.14 20.74
C ARG A 232 -20.82 -0.73 22.20
N GLU A 233 -20.25 -1.63 22.99
CA GLU A 233 -20.03 -1.39 24.41
C GLU A 233 -18.67 -0.74 24.69
N TYR A 234 -17.72 -0.95 23.78
CA TYR A 234 -16.41 -0.30 23.89
C TYR A 234 -16.01 0.27 22.53
N PRO A 235 -16.73 1.33 22.09
CA PRO A 235 -16.50 1.90 20.76
C PRO A 235 -15.07 2.40 20.57
N GLN A 236 -14.44 2.79 21.67
CA GLN A 236 -13.10 3.36 21.64
C GLN A 236 -12.02 2.37 21.21
N MET A 237 -12.33 1.08 21.21
CA MET A 237 -11.28 0.10 20.95
C MET A 237 -10.82 0.15 19.49
N ALA A 238 -11.66 0.68 18.61
CA ALA A 238 -11.26 0.91 17.23
C ALA A 238 -10.10 1.89 17.20
N GLN A 239 -10.20 2.96 17.99
CA GLN A 239 -9.16 3.96 18.07
C GLN A 239 -7.88 3.40 18.69
N TRP A 240 -8.02 2.57 19.72
CA TRP A 240 -6.85 1.99 20.39
C TRP A 240 -6.03 1.12 19.43
N LEU A 241 -6.73 0.32 18.63
CA LEU A 241 -6.07 -0.68 17.80
C LEU A 241 -5.60 -0.13 16.45
N GLN A 242 -6.08 1.05 16.09
CA GLN A 242 -5.76 1.62 14.78
C GLN A 242 -4.26 1.90 14.59
N PRO A 243 -3.62 2.68 15.48
CA PRO A 243 -2.19 2.91 15.22
C PRO A 243 -1.33 1.67 15.38
N VAL A 244 -1.76 0.76 16.25
CA VAL A 244 -1.03 -0.49 16.45
C VAL A 244 -0.97 -1.30 15.15
N PHE A 245 -2.12 -1.57 14.56
CA PHE A 245 -2.12 -2.39 13.35
C PHE A 245 -1.56 -1.63 12.16
N ALA A 246 -1.71 -0.31 12.15
CA ALA A 246 -1.14 0.48 11.07
C ALA A 246 0.38 0.33 11.01
N SER A 247 1.00 0.05 12.15
CA SER A 247 2.45 -0.03 12.25
C SER A 247 3.01 -1.38 11.82
N LEU A 248 2.14 -2.37 11.62
CA LEU A 248 2.59 -3.74 11.38
C LEU A 248 2.84 -4.05 9.91
N ASP A 249 3.92 -3.49 9.36
CA ASP A 249 4.38 -3.78 8.02
CA ASP A 249 4.29 -3.83 8.00
C ASP A 249 5.03 -5.17 7.98
N ALA A 250 5.34 -5.65 6.78
CA ALA A 250 5.87 -7.00 6.63
C ALA A 250 7.16 -7.23 7.43
N LYS A 251 8.13 -6.33 7.30
CA LYS A 251 9.41 -6.50 7.99
C LYS A 251 9.22 -6.50 9.52
N THR A 252 8.34 -5.63 10.01
CA THR A 252 8.07 -5.58 11.45
C THR A 252 7.47 -6.89 11.93
N LEU A 253 6.50 -7.42 11.20
CA LEU A 253 5.90 -8.69 11.57
C LEU A 253 6.91 -9.84 11.43
N GLN A 254 7.79 -9.78 10.43
CA GLN A 254 8.81 -10.81 10.30
C GLN A 254 9.71 -10.84 11.53
N GLN A 255 10.11 -9.66 11.98
CA GLN A 255 10.96 -9.55 13.16
C GLN A 255 10.28 -10.03 14.43
N LEU A 256 9.01 -9.67 14.60
CA LEU A 256 8.29 -10.09 15.81
C LEU A 256 8.04 -11.60 15.78
N ASN A 257 7.61 -12.10 14.62
CA ASN A 257 7.41 -13.54 14.45
C ASN A 257 8.72 -14.31 14.64
N ALA A 258 9.83 -13.75 14.17
CA ALA A 258 11.15 -14.39 14.34
C ALA A 258 11.49 -14.53 15.82
N SER A 259 11.22 -13.47 16.59
CA SER A 259 11.49 -13.46 18.02
C SER A 259 10.84 -14.66 18.68
N ILE A 260 9.61 -14.96 18.26
CA ILE A 260 8.84 -16.05 18.83
C ILE A 260 9.26 -17.41 18.27
N ALA A 261 9.18 -17.54 16.95
CA ALA A 261 9.32 -18.84 16.30
C ALA A 261 10.74 -19.37 16.19
N VAL A 262 11.70 -18.48 15.96
CA VAL A 262 13.07 -18.93 15.71
C VAL A 262 13.89 -18.87 17.00
N GLU A 263 13.67 -17.86 17.80
CA GLU A 263 14.54 -17.71 18.97
CA GLU A 263 14.50 -17.61 18.96
C GLU A 263 13.83 -17.94 20.29
N GLY A 264 12.58 -18.37 20.22
CA GLY A 264 11.87 -18.87 21.38
C GLY A 264 11.53 -17.90 22.50
N LEU A 265 11.34 -16.64 22.15
CA LEU A 265 10.83 -15.69 23.14
C LEU A 265 9.34 -15.90 23.32
N ASP A 266 8.84 -15.60 24.52
CA ASP A 266 7.43 -15.73 24.85
C ASP A 266 6.59 -14.74 24.04
N ALA A 267 5.54 -15.22 23.37
CA ALA A 267 4.71 -14.36 22.55
C ALA A 267 4.06 -13.23 23.38
N LYS A 268 3.70 -13.54 24.61
CA LYS A 268 3.15 -12.52 25.50
C LYS A 268 4.14 -11.39 25.76
N LYS A 269 5.39 -11.76 26.00
CA LYS A 269 6.43 -10.78 26.27
C LYS A 269 6.83 -10.02 25.00
N VAL A 270 6.84 -10.72 23.86
CA VAL A 270 7.17 -10.07 22.60
C VAL A 270 6.13 -9.01 22.26
N ALA A 271 4.86 -9.35 22.47
CA ALA A 271 3.78 -8.39 22.25
C ALA A 271 3.89 -7.20 23.21
N ALA A 272 4.10 -7.48 24.49
CA ALA A 272 4.23 -6.43 25.51
C ALA A 272 5.38 -5.50 25.21
N ASP A 273 6.51 -6.06 24.79
CA ASP A 273 7.70 -5.26 24.52
C ASP A 273 7.48 -4.33 23.33
N TYR A 274 6.79 -4.83 22.32
CA TYR A 274 6.49 -4.04 21.13
C TYR A 274 5.57 -2.87 21.46
N LEU A 275 4.50 -3.15 22.20
CA LEU A 275 3.54 -2.11 22.57
C LEU A 275 4.21 -1.04 23.43
N LYS A 276 5.09 -1.46 24.32
CA LYS A 276 5.79 -0.52 25.19
C LYS A 276 6.75 0.37 24.40
N GLN A 277 7.51 -0.24 23.50
CA GLN A 277 8.48 0.47 22.66
C GLN A 277 7.81 1.56 21.83
N LYS A 278 6.66 1.23 21.24
CA LYS A 278 5.95 2.16 20.38
C LYS A 278 5.07 3.09 21.19
N GLY A 279 5.05 2.89 22.51
CA GLY A 279 4.40 3.82 23.43
C GLY A 279 2.88 3.71 23.53
N TRP A 280 2.34 2.51 23.31
CA TRP A 280 0.89 2.33 23.38
C TRP A 280 0.48 1.67 24.70
N THR A 281 1.47 1.29 25.50
CA THR A 281 1.22 0.77 26.84
C THR A 281 2.21 1.37 27.84
N ALA B 1 2.32 29.00 20.45
CA ALA B 1 1.60 30.24 20.72
C ALA B 1 1.33 30.99 19.41
N SER B 2 2.25 30.86 18.46
CA SER B 2 2.05 31.42 17.13
C SER B 2 1.26 30.42 16.29
N PRO B 3 0.33 30.91 15.46
CA PRO B 3 -0.45 29.99 14.63
C PRO B 3 0.44 29.25 13.63
N VAL B 4 0.06 28.01 13.31
CA VAL B 4 0.81 27.21 12.35
C VAL B 4 0.48 27.65 10.93
N LYS B 5 1.51 28.02 10.18
CA LYS B 5 1.33 28.47 8.81
C LYS B 5 1.22 27.27 7.86
N VAL B 6 0.02 27.04 7.33
CA VAL B 6 -0.25 25.88 6.48
C VAL B 6 -0.27 26.28 5.01
N GLY B 7 0.55 25.63 4.19
CA GLY B 7 0.57 25.95 2.79
C GLY B 7 0.28 24.75 1.91
N SER B 8 0.37 24.96 0.60
CA SER B 8 0.31 23.88 -0.38
C SER B 8 0.69 24.45 -1.73
N LYS B 9 0.88 23.58 -2.71
CA LYS B 9 1.13 24.00 -4.08
C LYS B 9 -0.16 24.47 -4.75
N ILE B 10 0.01 25.17 -5.87
CA ILE B 10 -1.12 25.64 -6.66
CA ILE B 10 -1.12 25.64 -6.66
C ILE B 10 -1.56 24.61 -7.69
N ASP B 11 -2.43 23.71 -7.27
CA ASP B 11 -3.08 22.77 -8.16
C ASP B 11 -4.25 22.22 -7.37
N THR B 12 -5.14 21.49 -8.05
CA THR B 12 -6.32 20.91 -7.41
C THR B 12 -5.97 20.12 -6.16
N GLU B 13 -5.00 19.22 -6.31
CA GLU B 13 -4.67 18.34 -5.20
C GLU B 13 -3.99 19.10 -4.06
N GLY B 14 -3.26 20.17 -4.40
CA GLY B 14 -2.70 21.05 -3.38
C GLY B 14 -3.78 21.74 -2.57
N ALA B 15 -4.80 22.26 -3.26
CA ALA B 15 -5.94 22.87 -2.57
C ALA B 15 -6.57 21.85 -1.62
N LEU B 16 -6.80 20.65 -2.13
CA LEU B 16 -7.37 19.59 -1.30
C LEU B 16 -6.51 19.29 -0.08
N LEU B 17 -5.25 18.97 -0.30
CA LEU B 17 -4.43 18.47 0.80
C LEU B 17 -4.05 19.58 1.78
N GLY B 18 -3.87 20.79 1.27
CA GLY B 18 -3.58 21.92 2.14
C GLY B 18 -4.74 22.17 3.07
N ASN B 19 -5.95 22.14 2.52
CA ASN B 19 -7.13 22.32 3.34
C ASN B 19 -7.34 21.17 4.32
N ILE B 20 -7.00 19.95 3.92
CA ILE B 20 -7.08 18.82 4.83
C ILE B 20 -6.14 19.02 6.02
N ILE B 21 -4.90 19.42 5.76
CA ILE B 21 -3.96 19.62 6.86
C ILE B 21 -4.44 20.74 7.80
N LEU B 22 -4.88 21.85 7.21
CA LEU B 22 -5.34 23.00 7.99
C LEU B 22 -6.47 22.57 8.91
N GLN B 23 -7.43 21.85 8.37
CA GLN B 23 -8.64 21.53 9.13
C GLN B 23 -8.38 20.46 10.18
N VAL B 24 -7.48 19.52 9.87
CA VAL B 24 -7.09 18.55 10.88
C VAL B 24 -6.47 19.27 12.08
N LEU B 25 -5.58 20.22 11.82
CA LEU B 25 -4.94 20.96 12.91
C LEU B 25 -5.96 21.77 13.71
N GLU B 26 -6.83 22.51 13.03
CA GLU B 26 -7.81 23.33 13.74
C GLU B 26 -8.79 22.50 14.54
N SER B 27 -9.19 21.36 14.00
CA SER B 27 -10.16 20.48 14.68
C SER B 27 -9.59 19.92 15.96
N HIS B 28 -8.27 20.02 16.11
CA HIS B 28 -7.60 19.61 17.34
C HIS B 28 -7.14 20.81 18.17
N GLY B 29 -7.66 21.99 17.85
CA GLY B 29 -7.42 23.17 18.67
C GLY B 29 -6.11 23.88 18.44
N VAL B 30 -5.51 23.64 17.27
CA VAL B 30 -4.27 24.33 16.87
C VAL B 30 -4.60 25.43 15.88
N PRO B 31 -4.43 26.70 16.29
CA PRO B 31 -4.72 27.83 15.39
C PRO B 31 -3.80 27.82 14.17
N THR B 32 -4.32 28.27 13.03
CA THR B 32 -3.56 28.24 11.79
C THR B 32 -3.57 29.56 11.04
N VAL B 33 -2.60 29.71 10.14
CA VAL B 33 -2.62 30.75 9.13
C VAL B 33 -2.79 30.08 7.78
N ASN B 34 -3.77 30.55 7.00
CA ASN B 34 -4.07 29.95 5.71
C ASN B 34 -3.16 30.49 4.61
N LYS B 35 -2.22 29.65 4.17
CA LYS B 35 -1.39 29.95 3.01
C LYS B 35 -1.52 28.85 1.98
N VAL B 36 -2.70 28.24 1.92
CA VAL B 36 -2.98 27.18 0.97
C VAL B 36 -2.90 27.73 -0.46
N GLN B 37 -2.32 26.93 -1.36
CA GLN B 37 -2.02 27.33 -2.73
C GLN B 37 -1.13 28.57 -2.79
N LEU B 38 -0.06 28.53 -2.00
CA LEU B 38 0.89 29.62 -1.94
C LEU B 38 1.64 29.85 -3.26
N GLY B 39 2.06 28.76 -3.90
CA GLY B 39 2.82 28.88 -5.11
C GLY B 39 3.26 27.56 -5.69
N THR B 40 4.24 27.63 -6.58
CA THR B 40 4.82 26.45 -7.21
C THR B 40 5.74 25.72 -6.24
N THR B 41 6.22 24.55 -6.65
CA THR B 41 7.10 23.74 -5.81
C THR B 41 8.31 24.53 -5.28
N PRO B 42 9.06 25.25 -6.15
CA PRO B 42 10.20 25.96 -5.55
C PRO B 42 9.80 27.08 -4.60
N VAL B 43 8.65 27.72 -4.85
CA VAL B 43 8.16 28.77 -3.97
C VAL B 43 7.82 28.20 -2.60
N VAL B 44 7.11 27.08 -2.56
CA VAL B 44 6.71 26.48 -1.30
CA VAL B 44 6.72 26.51 -1.27
C VAL B 44 7.93 25.88 -0.57
N ARG B 45 8.83 25.29 -1.34
CA ARG B 45 10.04 24.73 -0.75
CA ARG B 45 10.08 24.76 -0.82
C ARG B 45 10.90 25.84 -0.15
N GLY B 46 11.04 26.97 -0.87
CA GLY B 46 11.77 28.11 -0.34
C GLY B 46 11.11 28.63 0.92
N ALA B 47 9.78 28.56 0.96
CA ALA B 47 9.04 29.10 2.10
C ALA B 47 9.20 28.26 3.36
N ILE B 48 9.13 26.95 3.22
CA ILE B 48 9.25 26.09 4.40
C ILE B 48 10.68 26.07 4.93
N THR B 49 11.66 26.25 4.05
CA THR B 49 13.04 26.23 4.51
C THR B 49 13.43 27.56 5.18
N SER B 50 12.65 28.61 4.91
CA SER B 50 12.95 29.92 5.47
C SER B 50 12.06 30.26 6.67
N GLY B 51 11.05 29.44 6.92
CA GLY B 51 10.15 29.66 8.03
C GLY B 51 8.88 30.39 7.66
N GLU B 52 8.75 30.74 6.39
CA GLU B 52 7.55 31.42 5.90
C GLU B 52 6.36 30.46 5.83
N LEU B 53 6.66 29.17 5.81
CA LEU B 53 5.65 28.12 5.98
C LEU B 53 6.08 27.20 7.10
N ASP B 54 5.12 26.56 7.75
CA ASP B 54 5.40 25.59 8.80
C ASP B 54 5.11 24.15 8.36
N ILE B 55 4.10 23.98 7.52
CA ILE B 55 3.70 22.65 7.10
C ILE B 55 2.97 22.71 5.76
N TYR B 56 3.22 21.73 4.90
CA TYR B 56 2.52 21.64 3.62
C TYR B 56 2.64 20.22 3.05
N PRO B 57 1.83 19.88 2.03
CA PRO B 57 1.97 18.55 1.44
C PRO B 57 2.99 18.52 0.30
N GLU B 58 4.00 17.65 0.43
CA GLU B 58 5.02 17.46 -0.59
C GLU B 58 5.01 16.02 -1.10
N TYR B 59 5.61 15.79 -2.27
CA TYR B 59 5.59 14.48 -2.91
C TYR B 59 6.95 13.82 -2.80
N THR B 60 6.95 12.57 -2.36
CA THR B 60 8.18 11.86 -2.04
C THR B 60 9.25 11.92 -3.13
N GLY B 61 8.86 11.63 -4.37
CA GLY B 61 9.82 11.58 -5.46
C GLY B 61 10.53 12.88 -5.75
N ASN B 62 9.99 14.00 -5.26
CA ASN B 62 10.68 15.26 -5.44
C ASN B 62 11.97 15.33 -4.64
N GLY B 63 12.16 14.40 -3.70
CA GLY B 63 13.44 14.25 -3.02
C GLY B 63 14.62 14.03 -3.95
N ALA B 64 14.37 13.41 -5.10
CA ALA B 64 15.40 13.18 -6.09
C ALA B 64 16.00 14.51 -6.55
N PHE B 65 15.17 15.54 -6.58
CA PHE B 65 15.60 16.85 -7.04
C PHE B 65 16.12 17.71 -5.90
N PHE B 66 15.47 17.63 -4.74
CA PHE B 66 15.94 18.36 -3.55
C PHE B 66 17.35 17.94 -3.15
N PHE B 67 17.71 16.70 -3.46
CA PHE B 67 18.97 16.15 -2.98
C PHE B 67 19.88 15.60 -4.08
N LYS B 68 19.61 15.99 -5.32
CA LYS B 68 20.57 15.79 -6.40
C LYS B 68 20.94 14.33 -6.63
N ASP B 69 19.95 13.44 -6.63
CA ASP B 69 20.23 12.03 -6.86
C ASP B 69 19.11 11.34 -7.61
N GLU B 70 18.81 11.84 -8.80
CA GLU B 70 17.76 11.27 -9.64
C GLU B 70 18.04 9.82 -10.05
N ASN B 71 19.32 9.46 -10.08
CA ASN B 71 19.72 8.14 -10.54
C ASN B 71 19.42 7.01 -9.54
N ASP B 72 19.14 7.38 -8.30
CA ASP B 72 18.92 6.41 -7.23
C ASP B 72 17.69 5.54 -7.48
N ALA B 73 17.85 4.23 -7.28
CA ALA B 73 16.77 3.28 -7.49
C ALA B 73 15.67 3.44 -6.46
N ALA B 74 15.98 4.11 -5.35
CA ALA B 74 15.04 4.30 -4.26
C ALA B 74 13.75 4.99 -4.70
N TRP B 75 13.87 5.93 -5.64
CA TRP B 75 12.73 6.75 -6.03
C TRP B 75 11.69 5.97 -6.82
N LYS B 76 12.07 4.78 -7.30
CA LYS B 76 11.15 3.93 -8.04
C LYS B 76 10.36 2.99 -7.12
N ASN B 77 10.57 3.14 -5.82
CA ASN B 77 9.80 2.37 -4.85
C ASN B 77 9.17 3.28 -3.81
N ALA B 78 7.86 3.11 -3.59
CA ALA B 78 7.11 4.00 -2.69
C ALA B 78 7.73 4.08 -1.30
N GLN B 79 8.02 2.94 -0.70
CA GLN B 79 8.56 2.90 0.66
C GLN B 79 9.99 3.43 0.72
N GLN B 80 10.82 3.01 -0.23
CA GLN B 80 12.23 3.39 -0.22
C GLN B 80 12.41 4.88 -0.50
N GLY B 81 11.62 5.41 -1.43
CA GLY B 81 11.70 6.83 -1.74
C GLY B 81 11.29 7.68 -0.57
N TYR B 82 10.23 7.24 0.12
CA TYR B 82 9.76 7.94 1.31
C TYR B 82 10.82 7.97 2.39
N GLU B 83 11.39 6.81 2.69
CA GLU B 83 12.39 6.75 3.75
C GLU B 83 13.60 7.59 3.40
N LYS B 84 13.95 7.63 2.12
CA LYS B 84 15.13 8.34 1.70
C LYS B 84 14.95 9.86 1.84
N VAL B 85 13.84 10.38 1.33
CA VAL B 85 13.63 11.82 1.42
C VAL B 85 13.38 12.20 2.88
N LYS B 86 12.75 11.33 3.65
CA LYS B 86 12.51 11.58 5.06
C LYS B 86 13.81 11.78 5.82
N LYS B 87 14.76 10.87 5.60
CA LYS B 87 16.05 10.95 6.28
C LYS B 87 16.82 12.19 5.84
N LEU B 88 16.85 12.46 4.54
CA LEU B 88 17.61 13.57 4.01
C LEU B 88 17.04 14.93 4.44
N ASP B 89 15.72 15.09 4.39
CA ASP B 89 15.12 16.37 4.73
C ASP B 89 15.28 16.71 6.21
N SER B 90 15.31 15.69 7.06
CA SER B 90 15.55 15.92 8.48
C SER B 90 17.01 16.33 8.72
N GLU B 91 17.92 15.57 8.12
CA GLU B 91 19.36 15.81 8.33
C GLU B 91 19.82 17.16 7.79
N HIS B 92 19.33 17.53 6.62
CA HIS B 92 19.82 18.73 5.94
C HIS B 92 18.98 19.98 6.19
N ASN B 93 17.69 19.80 6.45
CA ASN B 93 16.78 20.94 6.51
C ASN B 93 15.90 21.00 7.77
N LYS B 94 16.06 20.03 8.66
CA LYS B 94 15.22 19.92 9.86
C LYS B 94 13.74 19.95 9.49
N LEU B 95 13.42 19.28 8.38
CA LEU B 95 12.04 19.13 7.95
C LEU B 95 11.61 17.69 8.19
N ILE B 96 10.45 17.51 8.78
CA ILE B 96 9.99 16.18 9.16
C ILE B 96 8.85 15.71 8.27
N TRP B 97 9.09 14.61 7.55
CA TRP B 97 8.05 13.97 6.74
C TRP B 97 7.15 13.13 7.61
N LEU B 98 5.85 13.43 7.57
CA LEU B 98 4.89 12.65 8.32
C LEU B 98 4.33 11.53 7.44
N THR B 99 3.14 11.03 7.74
CA THR B 99 2.61 9.85 7.06
C THR B 99 2.28 10.12 5.59
N PRO B 100 2.81 9.28 4.67
CA PRO B 100 2.50 9.44 3.25
C PRO B 100 1.20 8.75 2.83
N ALA B 101 0.55 9.30 1.82
CA ALA B 101 -0.60 8.64 1.22
C ALA B 101 -0.14 7.45 0.41
N PRO B 102 -0.94 6.38 0.38
CA PRO B 102 -0.71 5.22 -0.48
C PRO B 102 -1.23 5.49 -1.87
N ALA B 103 -0.75 6.56 -2.47
CA ALA B 103 -1.15 6.95 -3.82
C ALA B 103 0.10 7.41 -4.55
N ASN B 104 0.07 7.29 -5.87
CA ASN B 104 1.21 7.65 -6.69
C ASN B 104 0.77 8.65 -7.76
N ASN B 105 1.00 9.93 -7.49
CA ASN B 105 0.58 10.98 -8.41
C ASN B 105 1.64 11.18 -9.47
N THR B 106 1.65 10.26 -10.43
CA THR B 106 2.67 10.20 -11.47
C THR B 106 2.00 9.82 -12.79
N TRP B 107 2.69 10.03 -13.91
CA TRP B 107 2.15 9.67 -15.22
C TRP B 107 1.80 8.19 -15.32
N THR B 108 0.66 7.90 -15.93
CA THR B 108 0.30 6.54 -16.29
C THR B 108 -0.70 6.56 -17.44
N ILE B 109 -1.25 5.40 -17.74
CA ILE B 109 -2.34 5.27 -18.71
C ILE B 109 -3.58 4.87 -17.96
N ALA B 110 -4.71 5.51 -18.30
CA ALA B 110 -6.01 5.15 -17.74
C ALA B 110 -6.88 4.62 -18.88
N VAL B 111 -7.64 3.57 -18.59
CA VAL B 111 -8.46 2.90 -19.60
C VAL B 111 -9.93 3.02 -19.23
N ARG B 112 -10.81 3.07 -20.23
CA ARG B 112 -12.25 3.02 -19.97
C ARG B 112 -12.57 1.88 -19.01
N GLN B 113 -13.43 2.17 -18.04
CA GLN B 113 -13.79 1.19 -17.02
CA GLN B 113 -13.76 1.18 -17.02
C GLN B 113 -14.31 -0.11 -17.61
N ASP B 114 -15.18 0.00 -18.62
CA ASP B 114 -15.77 -1.21 -19.18
C ASP B 114 -14.69 -2.10 -19.81
N VAL B 115 -13.78 -1.48 -20.55
CA VAL B 115 -12.70 -2.23 -21.18
C VAL B 115 -11.77 -2.86 -20.13
N ALA B 116 -11.45 -2.09 -19.08
CA ALA B 116 -10.56 -2.59 -18.04
C ALA B 116 -11.17 -3.76 -17.27
N GLU B 117 -12.44 -3.64 -16.91
CA GLU B 117 -13.07 -4.68 -16.12
C GLU B 117 -13.28 -5.96 -16.94
N LYS B 118 -13.73 -5.80 -18.19
CA LYS B 118 -14.00 -6.94 -19.06
C LYS B 118 -12.75 -7.75 -19.36
N ASN B 119 -11.61 -7.05 -19.47
CA ASN B 119 -10.36 -7.69 -19.85
C ASN B 119 -9.38 -7.84 -18.69
N LYS B 120 -9.87 -7.57 -17.48
CA LYS B 120 -9.09 -7.72 -16.25
C LYS B 120 -7.76 -6.95 -16.32
N LEU B 121 -7.86 -5.68 -16.68
CA LEU B 121 -6.69 -4.82 -16.74
C LEU B 121 -6.54 -4.03 -15.46
N THR B 122 -5.47 -4.28 -14.71
CA THR B 122 -5.19 -3.46 -13.54
C THR B 122 -3.83 -2.78 -13.64
N SER B 123 -2.91 -3.38 -14.39
CA SER B 123 -1.56 -2.85 -14.54
C SER B 123 -1.16 -2.63 -16.00
N LEU B 124 -0.05 -1.92 -16.20
CA LEU B 124 0.51 -1.76 -17.54
C LEU B 124 1.01 -3.07 -18.13
N ALA B 125 1.37 -4.02 -17.26
CA ALA B 125 1.72 -5.37 -17.72
C ALA B 125 0.49 -6.07 -18.29
N ASP B 126 -0.67 -5.88 -17.64
CA ASP B 126 -1.91 -6.41 -18.18
C ASP B 126 -2.22 -5.80 -19.54
N LEU B 127 -2.00 -4.50 -19.66
CA LEU B 127 -2.22 -3.82 -20.92
C LEU B 127 -1.32 -4.42 -22.01
N SER B 128 -0.05 -4.66 -21.68
CA SER B 128 0.86 -5.23 -22.66
C SER B 128 0.38 -6.60 -23.15
N ARG B 129 -0.11 -7.44 -22.24
CA ARG B 129 -0.62 -8.75 -22.62
CA ARG B 129 -0.61 -8.75 -22.65
C ARG B 129 -1.87 -8.62 -23.50
N TYR B 130 -2.77 -7.72 -23.09
CA TYR B 130 -3.97 -7.42 -23.86
C TYR B 130 -3.64 -7.05 -25.30
N LEU B 131 -2.65 -6.17 -25.48
CA LEU B 131 -2.26 -5.76 -26.84
C LEU B 131 -1.69 -6.92 -27.63
N GLN B 132 -0.83 -7.73 -27.00
CA GLN B 132 -0.26 -8.88 -27.67
C GLN B 132 -1.34 -9.92 -28.00
N GLU B 133 -2.41 -9.95 -27.20
CA GLU B 133 -3.50 -10.88 -27.45
C GLU B 133 -4.56 -10.31 -28.41
N GLY B 134 -4.24 -9.22 -29.10
CA GLY B 134 -5.09 -8.70 -30.17
C GLY B 134 -6.16 -7.73 -29.71
N GLY B 135 -5.98 -7.18 -28.51
CA GLY B 135 -6.95 -6.25 -27.97
C GLY B 135 -6.98 -4.92 -28.70
N THR B 136 -8.18 -4.36 -28.83
CA THR B 136 -8.39 -3.04 -29.44
C THR B 136 -7.95 -1.93 -28.50
N PHE B 137 -7.18 -0.97 -29.02
CA PHE B 137 -6.59 0.05 -28.17
C PHE B 137 -6.24 1.31 -28.95
N LYS B 138 -6.65 2.46 -28.42
CA LYS B 138 -6.26 3.73 -29.00
C LYS B 138 -6.13 4.75 -27.87
N LEU B 139 -4.95 5.35 -27.80
CA LEU B 139 -4.56 6.18 -26.67
C LEU B 139 -4.60 7.66 -27.03
N ALA B 140 -5.36 8.43 -26.26
CA ALA B 140 -5.29 9.89 -26.39
C ALA B 140 -4.21 10.43 -25.47
N ALA B 141 -3.30 11.23 -26.02
CA ALA B 141 -2.20 11.75 -25.23
C ALA B 141 -1.67 13.04 -25.83
N SER B 142 -0.94 13.80 -25.03
CA SER B 142 -0.26 14.98 -25.52
C SER B 142 0.93 14.55 -26.36
N ALA B 143 1.40 15.44 -27.23
CA ALA B 143 2.58 15.15 -28.02
C ALA B 143 3.78 14.89 -27.11
N GLU B 144 3.87 15.65 -26.02
CA GLU B 144 4.92 15.48 -25.03
C GLU B 144 4.98 14.06 -24.44
N PHE B 145 3.81 13.54 -24.06
CA PHE B 145 3.72 12.20 -23.48
C PHE B 145 4.16 11.15 -24.48
N ILE B 146 3.77 11.35 -25.73
CA ILE B 146 4.09 10.38 -26.77
C ILE B 146 5.60 10.41 -27.10
N GLU B 147 6.21 11.58 -27.05
CA GLU B 147 7.58 11.76 -27.56
C GLU B 147 8.72 11.67 -26.54
N ARG B 148 8.51 12.25 -25.35
CA ARG B 148 9.55 12.30 -24.32
CA ARG B 148 9.62 12.32 -24.40
C ARG B 148 10.03 10.92 -23.92
N ALA B 149 11.35 10.73 -23.86
CA ALA B 149 11.94 9.43 -23.55
C ALA B 149 11.44 8.78 -22.27
N ASP B 150 11.16 9.58 -21.25
CA ASP B 150 10.78 9.03 -19.96
C ASP B 150 9.29 8.81 -19.81
N ALA B 151 8.54 9.05 -20.89
CA ALA B 151 7.08 8.95 -20.86
C ALA B 151 6.60 7.68 -21.56
N LEU B 152 5.78 7.82 -22.60
CA LEU B 152 5.25 6.63 -23.27
C LEU B 152 6.35 5.68 -23.79
N PRO B 153 7.43 6.20 -24.40
CA PRO B 153 8.48 5.27 -24.85
C PRO B 153 9.07 4.43 -23.72
N ALA B 154 9.16 5.00 -22.53
CA ALA B 154 9.69 4.24 -21.40
C ALA B 154 8.72 3.12 -20.98
N PHE B 155 7.43 3.39 -21.04
CA PHE B 155 6.43 2.36 -20.75
C PHE B 155 6.51 1.25 -21.81
N GLU B 156 6.58 1.68 -23.06
CA GLU B 156 6.67 0.76 -24.20
C GLU B 156 7.85 -0.19 -24.09
N LYS B 157 9.03 0.37 -23.82
CA LYS B 157 10.25 -0.42 -23.67
C LYS B 157 10.16 -1.40 -22.50
N ALA B 158 9.70 -0.91 -21.35
CA ALA B 158 9.69 -1.72 -20.14
C ALA B 158 8.66 -2.83 -20.18
N TYR B 159 7.46 -2.52 -20.65
CA TYR B 159 6.37 -3.48 -20.58
C TYR B 159 6.21 -4.28 -21.86
N GLY B 160 6.98 -3.95 -22.88
CA GLY B 160 7.01 -4.74 -24.09
C GLY B 160 5.82 -4.58 -25.00
N PHE B 161 5.46 -3.33 -25.29
CA PHE B 161 4.45 -3.08 -26.30
C PHE B 161 4.82 -1.86 -27.13
N LYS B 162 4.33 -1.82 -28.37
CA LYS B 162 4.58 -0.68 -29.23
C LYS B 162 3.25 -0.22 -29.84
N LEU B 163 2.93 1.06 -29.70
CA LEU B 163 1.70 1.59 -30.26
C LEU B 163 1.95 2.16 -31.65
N GLY B 164 1.13 1.72 -32.61
CA GLY B 164 1.19 2.22 -33.96
C GLY B 164 0.50 3.57 -34.06
N GLN B 165 0.70 4.25 -35.19
CA GLN B 165 0.10 5.55 -35.43
C GLN B 165 -1.42 5.54 -35.26
N ASP B 166 -2.04 4.44 -35.68
CA ASP B 166 -3.49 4.30 -35.61
C ASP B 166 -3.98 3.98 -34.20
N GLN B 167 -3.05 3.79 -33.27
CA GLN B 167 -3.41 3.54 -31.87
C GLN B 167 -3.14 4.76 -31.01
N LEU B 168 -2.93 5.90 -31.68
CA LEU B 168 -2.65 7.15 -30.99
C LEU B 168 -3.55 8.28 -31.50
N LEU B 169 -4.01 9.09 -30.56
CA LEU B 169 -4.60 10.37 -30.88
C LEU B 169 -3.78 11.42 -30.16
N SER B 170 -2.95 12.13 -30.91
CA SER B 170 -2.11 13.17 -30.34
C SER B 170 -2.88 14.49 -30.31
N LEU B 171 -3.00 15.05 -29.11
CA LEU B 171 -3.74 16.29 -28.92
C LEU B 171 -2.81 17.41 -28.47
N ALA B 172 -2.44 18.27 -29.41
CA ALA B 172 -1.53 19.38 -29.14
C ALA B 172 -2.05 20.24 -28.00
N GLY B 173 -1.22 20.41 -26.97
CA GLY B 173 -1.55 21.27 -25.84
C GLY B 173 -2.62 20.71 -24.93
N GLY B 174 -2.97 19.45 -25.13
CA GLY B 174 -3.99 18.82 -24.32
C GLY B 174 -3.42 18.37 -23.00
N ASP B 175 -4.15 18.65 -21.92
CA ASP B 175 -3.77 18.16 -20.59
C ASP B 175 -4.54 16.88 -20.32
N THR B 176 -4.35 16.30 -19.14
CA THR B 176 -4.98 15.01 -18.88
C THR B 176 -6.49 15.10 -18.78
N ALA B 177 -7.02 16.26 -18.40
CA ALA B 177 -8.46 16.43 -18.35
C ALA B 177 -9.06 16.18 -19.74
N VAL B 178 -8.36 16.69 -20.74
CA VAL B 178 -8.81 16.58 -22.12
C VAL B 178 -8.61 15.17 -22.71
N THR B 179 -7.46 14.55 -22.42
CA THR B 179 -7.23 13.20 -22.92
C THR B 179 -8.18 12.21 -22.25
N ILE B 180 -8.42 12.39 -20.95
CA ILE B 180 -9.37 11.54 -20.24
C ILE B 180 -10.79 11.71 -20.82
N LYS B 181 -11.18 12.95 -21.10
CA LYS B 181 -12.47 13.21 -21.73
C LYS B 181 -12.59 12.51 -23.09
N ALA B 182 -11.49 12.51 -23.86
CA ALA B 182 -11.50 11.86 -25.16
C ALA B 182 -11.80 10.37 -25.06
N ALA B 183 -11.24 9.72 -24.03
CA ALA B 183 -11.50 8.31 -23.81
C ALA B 183 -12.94 8.10 -23.32
N ALA B 184 -13.42 9.00 -22.48
CA ALA B 184 -14.77 8.91 -21.95
C ALA B 184 -15.85 8.98 -23.03
N GLN B 185 -15.63 9.80 -24.05
CA GLN B 185 -16.61 9.93 -25.12
C GLN B 185 -16.13 9.26 -26.41
N GLN B 186 -15.02 8.55 -26.32
CA GLN B 186 -14.50 7.74 -27.42
C GLN B 186 -14.28 8.54 -28.70
N THR B 187 -13.70 9.73 -28.55
CA THR B 187 -13.31 10.56 -29.69
C THR B 187 -12.40 9.77 -30.61
N SER B 188 -12.80 9.66 -31.88
CA SER B 188 -12.02 8.94 -32.89
C SER B 188 -11.66 7.51 -32.46
N GLY B 189 -12.51 6.90 -31.64
CA GLY B 189 -12.31 5.52 -31.23
C GLY B 189 -11.36 5.30 -30.07
N VAL B 190 -10.90 6.40 -29.47
CA VAL B 190 -10.03 6.32 -28.29
C VAL B 190 -10.71 5.54 -27.15
N ASN B 191 -9.97 4.65 -26.49
CA ASN B 191 -10.50 3.98 -25.30
C ASN B 191 -9.54 4.05 -24.10
N ALA B 192 -8.49 4.87 -24.23
CA ALA B 192 -7.53 5.04 -23.13
C ALA B 192 -6.90 6.42 -23.19
N ALA B 193 -6.31 6.86 -22.09
CA ALA B 193 -5.84 8.24 -21.97
C ALA B 193 -4.59 8.35 -21.11
N MET B 194 -3.71 9.24 -21.51
CA MET B 194 -2.68 9.73 -20.62
C MET B 194 -3.36 10.30 -19.38
N ALA B 195 -2.85 9.97 -18.19
CA ALA B 195 -3.45 10.44 -16.96
C ALA B 195 -2.42 10.49 -15.85
N TYR B 196 -2.72 11.28 -14.82
CA TYR B 196 -1.94 11.17 -13.59
C TYR B 196 -2.63 10.22 -12.63
N GLY B 197 -1.85 9.59 -11.76
CA GLY B 197 -2.37 8.54 -10.92
C GLY B 197 -3.54 8.92 -10.02
N THR B 198 -3.66 10.20 -9.70
CA THR B 198 -4.71 10.64 -8.79
C THR B 198 -5.70 11.60 -9.47
N ASP B 199 -5.70 11.60 -10.80
CA ASP B 199 -6.50 12.57 -11.57
C ASP B 199 -8.00 12.48 -11.30
N GLY B 200 -8.60 13.61 -10.95
CA GLY B 200 -10.03 13.69 -10.72
C GLY B 200 -10.88 13.20 -11.87
N PRO B 201 -10.57 13.62 -13.11
CA PRO B 201 -11.41 13.16 -14.21
C PRO B 201 -11.45 11.65 -14.42
N VAL B 202 -10.44 10.92 -13.94
CA VAL B 202 -10.51 9.46 -13.96
C VAL B 202 -11.74 8.95 -13.24
N ALA B 203 -12.00 9.47 -12.03
CA ALA B 203 -13.18 9.04 -11.26
C ALA B 203 -14.47 9.54 -11.90
N ALA B 204 -14.51 10.82 -12.26
CA ALA B 204 -15.76 11.42 -12.71
C ALA B 204 -16.20 10.91 -14.07
N LEU B 205 -15.24 10.58 -14.94
CA LEU B 205 -15.57 10.24 -16.33
C LEU B 205 -15.54 8.74 -16.62
N GLY B 206 -15.33 7.94 -15.59
CA GLY B 206 -15.45 6.50 -15.72
C GLY B 206 -14.26 5.79 -16.34
N LEU B 207 -13.06 6.20 -15.94
CA LEU B 207 -11.85 5.49 -16.34
C LEU B 207 -11.23 4.80 -15.13
N GLN B 208 -10.17 4.05 -15.41
CA GLN B 208 -9.43 3.37 -14.37
C GLN B 208 -7.95 3.49 -14.68
N THR B 209 -7.18 4.02 -13.74
CA THR B 209 -5.74 4.10 -13.92
C THR B 209 -5.10 2.72 -13.85
N LEU B 210 -4.04 2.54 -14.64
CA LEU B 210 -3.27 1.31 -14.60
C LEU B 210 -2.06 1.47 -13.67
N SER B 211 -1.79 0.44 -12.88
CA SER B 211 -0.61 0.48 -12.02
C SER B 211 0.67 0.26 -12.82
N ASP B 212 1.80 0.53 -12.16
CA ASP B 212 3.13 0.53 -12.76
C ASP B 212 4.04 -0.36 -11.91
N PRO B 213 3.81 -1.69 -11.97
CA PRO B 213 4.53 -2.60 -11.07
C PRO B 213 6.03 -2.63 -11.28
N GLN B 214 6.51 -2.28 -12.48
CA GLN B 214 7.96 -2.25 -12.71
C GLN B 214 8.59 -0.96 -12.20
N GLY B 215 7.78 0.01 -11.81
CA GLY B 215 8.30 1.28 -11.34
C GLY B 215 9.04 2.05 -12.42
N VAL B 216 8.43 2.16 -13.59
CA VAL B 216 9.02 2.93 -14.69
C VAL B 216 9.05 4.42 -14.36
N GLN B 217 7.97 4.92 -13.78
CA GLN B 217 7.94 6.28 -13.27
C GLN B 217 8.34 6.34 -11.81
N PRO B 218 9.04 7.41 -11.42
CA PRO B 218 9.27 7.67 -9.99
C PRO B 218 7.94 7.79 -9.25
N ILE B 219 7.94 7.40 -7.97
CA ILE B 219 6.77 7.53 -7.12
C ILE B 219 6.66 8.93 -6.57
N TYR B 220 5.51 9.57 -6.77
CA TYR B 220 5.21 10.85 -6.14
C TYR B 220 4.03 10.69 -5.17
N ALA B 221 4.34 10.33 -3.93
CA ALA B 221 3.33 10.15 -2.88
C ALA B 221 3.28 11.38 -1.99
N PRO B 222 2.07 11.95 -1.81
CA PRO B 222 1.97 13.14 -0.96
C PRO B 222 2.02 12.83 0.53
N ALA B 223 2.71 13.70 1.25
CA ALA B 223 2.86 13.58 2.70
C ALA B 223 2.96 14.97 3.32
N PRO B 224 2.47 15.15 4.55
CA PRO B 224 2.74 16.43 5.22
C PRO B 224 4.23 16.55 5.52
N VAL B 225 4.81 17.72 5.28
CA VAL B 225 6.17 18.01 5.69
C VAL B 225 6.12 19.20 6.63
N VAL B 226 6.69 19.06 7.83
CA VAL B 226 6.56 20.07 8.86
C VAL B 226 7.93 20.46 9.42
N ARG B 227 8.12 21.75 9.72
CA ARG B 227 9.35 22.19 10.37
C ARG B 227 9.47 21.53 11.74
N GLU B 228 10.67 21.06 12.06
CA GLU B 228 10.91 20.29 13.27
C GLU B 228 10.46 21.01 14.54
N SER B 229 10.73 22.31 14.62
CA SER B 229 10.41 23.07 15.82
C SER B 229 8.89 23.18 16.01
N VAL B 230 8.16 23.12 14.91
CA VAL B 230 6.70 23.20 14.96
C VAL B 230 6.13 21.86 15.41
N LEU B 231 6.69 20.77 14.89
CA LEU B 231 6.30 19.45 15.35
C LEU B 231 6.59 19.29 16.85
N ARG B 232 7.70 19.86 17.30
CA ARG B 232 8.07 19.79 18.73
C ARG B 232 7.02 20.50 19.59
N GLU B 233 6.45 21.57 19.05
CA GLU B 233 5.39 22.29 19.76
C GLU B 233 4.09 21.50 19.82
N TYR B 234 3.75 20.86 18.70
CA TYR B 234 2.50 20.09 18.60
C TYR B 234 2.78 18.67 18.13
N PRO B 235 3.39 17.83 19.00
CA PRO B 235 3.87 16.53 18.54
C PRO B 235 2.76 15.56 18.17
N GLN B 236 1.58 15.74 18.72
CA GLN B 236 0.45 14.86 18.43
C GLN B 236 -0.02 14.96 16.98
N MET B 237 0.45 15.96 16.23
CA MET B 237 -0.06 16.12 14.87
C MET B 237 0.39 14.95 14.00
N ALA B 238 1.49 14.31 14.37
CA ALA B 238 1.92 13.10 13.67
C ALA B 238 0.84 12.03 13.75
N GLN B 239 0.25 11.87 14.93
CA GLN B 239 -0.79 10.87 15.14
C GLN B 239 -2.09 11.30 14.46
N TRP B 240 -2.42 12.59 14.53
CA TRP B 240 -3.65 13.08 13.92
C TRP B 240 -3.65 12.86 12.41
N LEU B 241 -2.49 13.07 11.79
CA LEU B 241 -2.44 13.06 10.34
C LEU B 241 -2.20 11.66 9.77
N GLN B 242 -1.82 10.71 10.61
CA GLN B 242 -1.50 9.37 10.12
C GLN B 242 -2.70 8.65 9.50
N PRO B 243 -3.83 8.51 10.24
CA PRO B 243 -4.91 7.76 9.59
C PRO B 243 -5.52 8.54 8.42
N VAL B 244 -5.45 9.86 8.48
CA VAL B 244 -5.97 10.71 7.41
C VAL B 244 -5.22 10.45 6.11
N PHE B 245 -3.89 10.57 6.15
CA PHE B 245 -3.12 10.35 4.94
C PHE B 245 -3.06 8.88 4.55
N ALA B 246 -3.07 7.97 5.52
CA ALA B 246 -3.08 6.55 5.18
C ALA B 246 -4.33 6.17 4.36
N SER B 247 -5.39 6.95 4.47
CA SER B 247 -6.65 6.65 3.79
C SER B 247 -6.69 7.16 2.35
N LEU B 248 -5.70 7.96 1.97
CA LEU B 248 -5.73 8.60 0.67
C LEU B 248 -5.10 7.72 -0.40
N ASP B 249 -5.77 6.62 -0.71
CA ASP B 249 -5.40 5.77 -1.83
C ASP B 249 -5.75 6.50 -3.13
N ALA B 250 -5.32 5.93 -4.27
CA ALA B 250 -5.51 6.58 -5.56
C ALA B 250 -6.97 6.86 -5.88
N LYS B 251 -7.84 5.86 -5.73
CA LYS B 251 -9.25 6.07 -6.05
C LYS B 251 -9.89 7.12 -5.14
N THR B 252 -9.51 7.14 -3.87
CA THR B 252 -10.05 8.13 -2.96
C THR B 252 -9.61 9.54 -3.38
N LEU B 253 -8.34 9.72 -3.68
CA LEU B 253 -7.87 11.02 -4.13
C LEU B 253 -8.51 11.39 -5.48
N GLN B 254 -8.70 10.41 -6.36
CA GLN B 254 -9.37 10.68 -7.63
C GLN B 254 -10.76 11.24 -7.37
N GLN B 255 -11.49 10.64 -6.43
CA GLN B 255 -12.84 11.11 -6.13
C GLN B 255 -12.83 12.52 -5.54
N LEU B 256 -11.90 12.77 -4.62
CA LEU B 256 -11.83 14.07 -3.97
C LEU B 256 -11.41 15.15 -4.95
N ASN B 257 -10.41 14.84 -5.77
CA ASN B 257 -9.99 15.79 -6.80
C ASN B 257 -11.10 16.03 -7.81
N ALA B 258 -11.89 15.01 -8.14
CA ALA B 258 -13.00 15.17 -9.07
C ALA B 258 -14.05 16.12 -8.48
N SER B 259 -14.28 16.02 -7.18
CA SER B 259 -15.25 16.88 -6.52
C SER B 259 -14.91 18.34 -6.73
N ILE B 260 -13.61 18.65 -6.69
CA ILE B 260 -13.16 20.02 -6.83
C ILE B 260 -13.09 20.40 -8.30
N ALA B 261 -12.32 19.65 -9.07
CA ALA B 261 -11.97 20.07 -10.43
C ALA B 261 -13.05 19.80 -11.46
N VAL B 262 -13.83 18.74 -11.28
CA VAL B 262 -14.87 18.40 -12.26
C VAL B 262 -16.24 18.90 -11.82
N GLU B 263 -16.59 18.69 -10.56
CA GLU B 263 -17.91 19.03 -10.04
C GLU B 263 -18.00 20.48 -9.59
N GLY B 264 -16.85 21.12 -9.40
CA GLY B 264 -16.82 22.54 -9.08
C GLY B 264 -17.05 22.85 -7.61
N LEU B 265 -16.89 21.86 -6.75
CA LEU B 265 -17.10 22.09 -5.33
C LEU B 265 -15.89 22.80 -4.70
N ASP B 266 -16.18 23.55 -3.65
CA ASP B 266 -15.19 24.31 -2.87
C ASP B 266 -14.21 23.37 -2.19
N ALA B 267 -12.91 23.51 -2.44
CA ALA B 267 -11.93 22.61 -1.84
C ALA B 267 -11.98 22.60 -0.32
N LYS B 268 -12.32 23.75 0.29
CA LYS B 268 -12.47 23.82 1.74
C LYS B 268 -13.58 22.89 2.20
N LYS B 269 -14.69 22.88 1.46
CA LYS B 269 -15.84 22.06 1.84
C LYS B 269 -15.62 20.59 1.51
N VAL B 270 -14.95 20.31 0.41
CA VAL B 270 -14.61 18.93 0.06
C VAL B 270 -13.72 18.31 1.15
N ALA B 271 -12.72 19.06 1.60
CA ALA B 271 -11.85 18.58 2.68
C ALA B 271 -12.66 18.38 3.96
N ALA B 272 -13.49 19.36 4.32
CA ALA B 272 -14.27 19.28 5.56
C ALA B 272 -15.20 18.09 5.57
N ASP B 273 -15.87 17.87 4.45
CA ASP B 273 -16.84 16.81 4.33
C ASP B 273 -16.17 15.44 4.39
N TYR B 274 -14.98 15.33 3.79
CA TYR B 274 -14.26 14.06 3.82
C TYR B 274 -13.85 13.71 5.24
N LEU B 275 -13.27 14.68 5.95
CA LEU B 275 -12.81 14.46 7.31
C LEU B 275 -13.96 14.11 8.24
N LYS B 276 -15.12 14.73 8.03
CA LYS B 276 -16.30 14.45 8.85
C LYS B 276 -16.83 13.04 8.57
N GLN B 277 -16.90 12.72 7.28
CA GLN B 277 -17.36 11.40 6.83
C GLN B 277 -16.56 10.27 7.46
N LYS B 278 -15.25 10.51 7.59
CA LYS B 278 -14.34 9.49 8.10
C LYS B 278 -14.19 9.54 9.61
N GLY B 279 -14.80 10.53 10.25
CA GLY B 279 -14.81 10.63 11.69
C GLY B 279 -13.57 11.25 12.31
N TRP B 280 -12.81 11.98 11.51
CA TRP B 280 -11.57 12.60 11.98
C TRP B 280 -11.79 14.05 12.40
N THR B 281 -12.94 14.61 12.04
CA THR B 281 -13.36 15.92 12.52
C THR B 281 -14.80 15.84 12.98
N LYS B 282 -15.27 16.89 13.64
CA LYS B 282 -16.60 16.91 14.26
C LYS B 282 -16.84 15.60 15.00
N ARG B 283 -15.88 15.25 15.86
CA ARG B 283 -15.83 13.95 16.48
C ARG B 283 -16.74 13.87 17.70
#